data_6T8R
#
_entry.id   6T8R
#
_cell.length_a   62.953
_cell.length_b   89.825
_cell.length_c   60.878
_cell.angle_alpha   90.000
_cell.angle_beta   96.490
_cell.angle_gamma   90.000
#
_symmetry.space_group_name_H-M   'C 1 2 1'
#
loop_
_entity.id
_entity.type
_entity.pdbx_description
1 polymer 'Genome polyprotein'
2 polymer 'Genome polyprotein'
3 non-polymer 4-(5-amino-1,3,4-thiadiazol-2-yl)phenol
4 non-polymer 'PHOSPHATE ION'
5 non-polymer 'DIMETHYL SULFOXIDE'
6 water water
#
loop_
_entity_poly.entity_id
_entity_poly.type
_entity_poly.pdbx_seq_one_letter_code
_entity_poly.pdbx_strand_id
1 'polypeptide(L)'
;APPTLWSRVTKFGSGWGFWVSPTVFITTTHVIPTSAKEFFGEPLTSIAIHRAGEFTLFRFSKKIRPDLTGMILEEGCPEG
TVCSVLIKRDSGELLPLAVRMGAIASMRIQGRLVHGQSGMLLTGANAKGMDLGTIPGDCGAPYVYKRANDWVVCGVHAAA
TKSGNTVVCAVQ
;
A
2 'polypeptide(L)'
;PTLWSRVTKFGSGWGFWVSPTVFITTTHVIPTSAKEFFGEPLTSIAIHRAGEFTLFRFSKKIRPDLTGMILEEGCPEGTV
CSVLIKRDSGELLPLAVRMGAIASMRIQGRLVHGQSGMLLTGANAKGMDLGTIPGDCGAPYVYKRANDWVVCGVHAAATK
SGNTVVCAVQA
;
B
#
# COMPACT_ATOMS: atom_id res chain seq x y z
N ALA A 1 7.92 0.10 -6.17
CA ALA A 1 8.99 -0.94 -6.43
C ALA A 1 9.15 -1.11 -7.93
N PRO A 2 10.34 -1.49 -8.45
CA PRO A 2 10.57 -1.46 -9.89
C PRO A 2 9.76 -2.49 -10.70
N PRO A 3 9.34 -2.12 -11.95
CA PRO A 3 8.54 -3.01 -12.79
C PRO A 3 9.17 -4.40 -12.96
N THR A 4 10.49 -4.51 -12.93
CA THR A 4 11.17 -5.82 -13.06
C THR A 4 10.90 -6.72 -11.84
N LEU A 5 10.58 -6.19 -10.63
CA LEU A 5 10.17 -7.04 -9.48
C LEU A 5 8.69 -7.45 -9.62
N TRP A 6 7.79 -6.55 -9.99
CA TRP A 6 6.37 -6.93 -10.18
C TRP A 6 6.21 -7.98 -11.31
N SER A 7 7.07 -7.98 -12.36
CA SER A 7 6.96 -8.94 -13.50
CA SER A 7 6.97 -8.94 -13.50
C SER A 7 7.27 -10.37 -13.01
N ARG A 8 7.95 -10.52 -11.88
CA ARG A 8 8.34 -11.85 -11.29
C ARG A 8 7.18 -12.46 -10.47
N VAL A 9 6.18 -11.65 -10.11
CA VAL A 9 5.03 -12.04 -9.24
C VAL A 9 3.97 -12.72 -10.12
N THR A 10 3.74 -14.02 -9.94
CA THR A 10 2.95 -14.91 -10.82
C THR A 10 1.81 -15.55 -10.04
N LYS A 11 0.60 -15.47 -10.57
CA LYS A 11 -0.61 -16.10 -9.96
C LYS A 11 -0.35 -17.61 -9.90
N PHE A 12 -0.61 -18.24 -8.78
CA PHE A 12 -0.18 -19.64 -8.56
C PHE A 12 -1.08 -20.29 -7.51
N GLY A 13 -1.67 -21.43 -7.88
CA GLY A 13 -2.60 -22.17 -7.03
C GLY A 13 -3.59 -21.22 -6.41
N SER A 14 -3.73 -21.22 -5.08
CA SER A 14 -4.68 -20.32 -4.38
C SER A 14 -4.00 -19.01 -3.95
N GLY A 15 -2.77 -18.72 -4.41
CA GLY A 15 -2.15 -17.40 -4.22
C GLY A 15 -1.17 -17.02 -5.33
N TRP A 16 0.11 -16.81 -4.94
CA TRP A 16 1.23 -16.30 -5.78
C TRP A 16 2.55 -17.07 -5.57
N GLY A 17 3.46 -16.98 -6.55
CA GLY A 17 4.89 -17.27 -6.44
C GLY A 17 5.73 -16.18 -7.08
N PHE A 18 7.06 -16.34 -7.02
CA PHE A 18 8.09 -15.33 -7.33
C PHE A 18 9.29 -16.00 -8.01
N TRP A 19 9.62 -15.51 -9.21
CA TRP A 19 10.77 -15.95 -10.04
C TRP A 19 12.01 -15.22 -9.53
N VAL A 20 12.90 -15.98 -8.89
CA VAL A 20 14.21 -15.49 -8.37
C VAL A 20 15.20 -15.41 -9.55
N SER A 21 15.06 -16.32 -10.50
CA SER A 21 15.92 -16.45 -11.72
C SER A 21 15.13 -17.09 -12.85
N PRO A 22 15.71 -17.26 -14.07
CA PRO A 22 15.05 -17.97 -15.16
C PRO A 22 14.62 -19.40 -14.79
N THR A 23 15.28 -20.06 -13.84
CA THR A 23 15.03 -21.51 -13.46
C THR A 23 14.52 -21.71 -12.01
N VAL A 24 14.43 -20.65 -11.18
CA VAL A 24 14.13 -20.77 -9.71
C VAL A 24 12.83 -20.02 -9.36
N PHE A 25 11.89 -20.72 -8.75
CA PHE A 25 10.54 -20.18 -8.39
C PHE A 25 10.29 -20.46 -6.91
N ILE A 26 9.93 -19.46 -6.14
CA ILE A 26 9.63 -19.69 -4.69
C ILE A 26 8.14 -19.42 -4.44
N THR A 27 7.52 -20.12 -3.49
CA THR A 27 6.12 -19.87 -3.04
C THR A 27 5.91 -20.37 -1.60
N THR A 28 4.70 -20.16 -1.08
CA THR A 28 4.24 -20.64 0.27
C THR A 28 3.64 -22.06 0.11
N THR A 29 4.12 -23.03 0.88
CA THR A 29 3.81 -24.47 0.70
C THR A 29 2.28 -24.70 0.59
N HIS A 30 1.42 -24.07 1.40
CA HIS A 30 -0.06 -24.37 1.42
C HIS A 30 -0.81 -23.81 0.19
N VAL A 31 -0.24 -22.92 -0.64
CA VAL A 31 -0.95 -22.49 -1.89
C VAL A 31 -0.75 -23.51 -3.04
N ILE A 32 0.15 -24.49 -2.91
CA ILE A 32 0.48 -25.44 -4.02
C ILE A 32 -0.72 -26.36 -4.19
N PRO A 33 -1.25 -26.52 -5.43
CA PRO A 33 -2.26 -27.55 -5.72
C PRO A 33 -1.68 -28.96 -5.48
N THR A 34 -2.22 -29.71 -4.50
CA THR A 34 -1.60 -30.97 -4.02
C THR A 34 -1.70 -32.04 -5.09
N SER A 35 -2.68 -31.93 -6.02
CA SER A 35 -2.86 -32.92 -7.13
C SER A 35 -1.90 -32.65 -8.30
N ALA A 36 -1.22 -31.50 -8.40
CA ALA A 36 -0.52 -31.10 -9.65
C ALA A 36 0.70 -32.00 -9.91
N LYS A 37 0.85 -32.48 -11.14
CA LYS A 37 1.94 -33.37 -11.61
C LYS A 37 2.78 -32.68 -12.70
N GLU A 38 2.42 -31.42 -13.03
CA GLU A 38 3.05 -30.68 -14.14
C GLU A 38 3.03 -29.19 -13.77
N PHE A 39 4.15 -28.50 -13.92
CA PHE A 39 4.23 -27.03 -13.74
C PHE A 39 4.98 -26.38 -14.92
N PHE A 40 4.37 -25.38 -15.54
CA PHE A 40 4.91 -24.59 -16.66
C PHE A 40 5.33 -25.54 -17.80
N GLY A 41 4.56 -26.60 -18.05
CA GLY A 41 4.81 -27.56 -19.14
C GLY A 41 5.91 -28.57 -18.82
N GLU A 42 6.46 -28.61 -17.60
CA GLU A 42 7.46 -29.62 -17.21
C GLU A 42 6.86 -30.64 -16.26
N PRO A 43 7.20 -31.94 -16.43
CA PRO A 43 6.79 -32.97 -15.49
C PRO A 43 7.51 -32.84 -14.13
N LEU A 44 6.86 -33.27 -13.04
CA LEU A 44 7.43 -33.27 -11.67
C LEU A 44 8.84 -33.87 -11.64
N THR A 45 9.08 -34.89 -12.46
CA THR A 45 10.34 -35.69 -12.49
C THR A 45 11.49 -34.79 -12.97
N SER A 46 11.23 -33.71 -13.72
CA SER A 46 12.29 -32.83 -14.26
C SER A 46 12.50 -31.60 -13.36
N ILE A 47 11.98 -31.63 -12.12
CA ILE A 47 12.03 -30.46 -11.18
C ILE A 47 12.55 -30.89 -9.81
N ALA A 48 13.56 -30.16 -9.30
CA ALA A 48 14.10 -30.28 -7.91
C ALA A 48 13.27 -29.41 -6.94
N ILE A 49 12.75 -30.03 -5.88
CA ILE A 49 11.90 -29.32 -4.87
C ILE A 49 12.64 -29.29 -3.53
N HIS A 50 12.76 -28.10 -2.96
CA HIS A 50 13.31 -27.86 -1.59
C HIS A 50 12.19 -27.26 -0.70
N ARG A 51 11.84 -27.97 0.35
CA ARG A 51 10.69 -27.63 1.23
C ARG A 51 11.21 -27.49 2.67
N ALA A 52 10.95 -26.37 3.31
CA ALA A 52 11.17 -26.14 4.75
C ALA A 52 9.93 -25.46 5.35
N GLY A 53 9.02 -26.25 5.92
CA GLY A 53 7.77 -25.75 6.51
C GLY A 53 6.94 -25.05 5.46
N GLU A 54 6.62 -23.78 5.67
CA GLU A 54 5.79 -22.99 4.74
C GLU A 54 6.60 -22.41 3.57
N PHE A 55 7.91 -22.66 3.46
CA PHE A 55 8.76 -22.20 2.33
C PHE A 55 8.95 -23.35 1.34
N THR A 56 8.68 -23.11 0.05
CA THR A 56 8.97 -24.11 -1.01
C THR A 56 9.78 -23.45 -2.15
N LEU A 57 10.81 -24.11 -2.63
CA LEU A 57 11.62 -23.66 -3.78
C LEU A 57 11.56 -24.74 -4.87
N PHE A 58 11.24 -24.31 -6.10
CA PHE A 58 11.25 -25.16 -7.33
C PHE A 58 12.46 -24.77 -8.18
N ARG A 59 13.28 -25.75 -8.55
CA ARG A 59 14.39 -25.55 -9.53
C ARG A 59 14.17 -26.42 -10.79
N PHE A 60 14.03 -25.75 -11.93
CA PHE A 60 13.71 -26.35 -13.27
C PHE A 60 15.00 -26.73 -13.99
N SER A 61 14.92 -27.67 -14.93
N SER A 61 14.86 -27.65 -14.94
CA SER A 61 16.08 -28.15 -15.74
CA SER A 61 15.95 -28.21 -15.77
C SER A 61 16.22 -27.35 -17.05
C SER A 61 16.24 -27.29 -16.97
N LYS A 62 15.32 -26.39 -17.33
CA LYS A 62 15.52 -25.42 -18.45
C LYS A 62 14.95 -24.03 -18.10
N LYS A 63 15.34 -23.01 -18.84
CA LYS A 63 14.88 -21.62 -18.55
C LYS A 63 13.37 -21.50 -18.83
N ILE A 64 12.57 -21.26 -17.81
CA ILE A 64 11.11 -21.01 -17.96
C ILE A 64 10.93 -19.49 -18.20
N ARG A 65 11.75 -18.64 -17.59
CA ARG A 65 11.61 -17.17 -17.69
C ARG A 65 12.94 -16.60 -18.20
N PRO A 66 13.30 -16.81 -19.48
CA PRO A 66 14.58 -16.33 -20.00
C PRO A 66 14.71 -14.80 -20.08
N ASP A 67 13.60 -14.07 -19.92
CA ASP A 67 13.60 -12.60 -19.92
C ASP A 67 14.22 -12.07 -18.60
N LEU A 68 14.38 -12.92 -17.58
CA LEU A 68 14.81 -12.50 -16.21
C LEU A 68 16.32 -12.68 -16.00
N THR A 69 16.87 -11.92 -15.04
CA THR A 69 18.18 -12.20 -14.42
C THR A 69 18.02 -12.76 -13.01
N GLY A 70 19.00 -13.52 -12.58
CA GLY A 70 19.02 -14.04 -11.21
C GLY A 70 19.20 -12.89 -10.24
N MET A 71 18.48 -12.89 -9.14
CA MET A 71 18.65 -11.82 -8.12
C MET A 71 19.00 -12.50 -6.78
N ILE A 72 19.31 -11.72 -5.74
CA ILE A 72 19.74 -12.28 -4.40
C ILE A 72 18.51 -12.74 -3.58
N LEU A 73 18.51 -14.01 -3.17
CA LEU A 73 17.57 -14.54 -2.17
C LEU A 73 18.32 -14.79 -0.85
N GLU A 74 17.88 -14.16 0.25
CA GLU A 74 18.50 -14.41 1.57
C GLU A 74 17.52 -15.01 2.57
N GLU A 75 18.08 -15.45 3.70
CA GLU A 75 17.31 -16.20 4.73
C GLU A 75 16.76 -15.18 5.73
N GLY A 76 15.63 -14.56 5.40
CA GLY A 76 15.08 -13.40 6.15
C GLY A 76 16.00 -12.20 6.03
N CYS A 77 15.82 -11.22 6.93
CA CYS A 77 16.59 -9.95 6.97
C CYS A 77 16.85 -9.51 8.42
N PRO A 78 17.84 -8.59 8.61
CA PRO A 78 18.14 -8.08 9.95
C PRO A 78 16.90 -7.46 10.63
N GLU A 79 16.77 -7.65 11.96
CA GLU A 79 15.67 -7.06 12.78
C GLU A 79 15.67 -5.56 12.46
N GLY A 80 14.51 -4.98 12.22
CA GLY A 80 14.36 -3.53 12.02
C GLY A 80 14.44 -3.10 10.57
N THR A 81 14.81 -3.98 9.63
CA THR A 81 14.68 -3.74 8.16
C THR A 81 13.20 -3.50 7.82
N VAL A 82 12.94 -2.46 7.01
CA VAL A 82 11.61 -2.16 6.41
C VAL A 82 11.56 -2.78 5.02
N CYS A 83 10.61 -3.70 4.82
CA CYS A 83 10.33 -4.43 3.56
C CYS A 83 9.02 -3.91 2.95
N SER A 84 8.80 -4.17 1.67
CA SER A 84 7.51 -4.07 0.95
C SER A 84 7.08 -5.50 0.64
N VAL A 85 5.81 -5.85 0.89
CA VAL A 85 5.15 -7.10 0.42
C VAL A 85 4.45 -6.77 -0.91
N LEU A 86 4.79 -7.46 -2.02
CA LEU A 86 4.35 -7.07 -3.39
C LEU A 86 3.07 -7.83 -3.70
N ILE A 87 1.93 -7.23 -3.34
CA ILE A 87 0.56 -7.82 -3.42
C ILE A 87 -0.17 -7.29 -4.67
N LYS A 88 -0.57 -8.17 -5.60
CA LYS A 88 -1.45 -7.76 -6.74
C LYS A 88 -2.92 -7.91 -6.31
N ARG A 89 -3.75 -6.89 -6.61
CA ARG A 89 -5.21 -6.83 -6.33
C ARG A 89 -6.03 -6.40 -7.57
N ASP A 90 -7.33 -6.66 -7.53
CA ASP A 90 -8.29 -6.55 -8.67
C ASP A 90 -8.00 -5.34 -9.56
N SER A 91 -7.44 -5.70 -10.73
CA SER A 91 -7.38 -5.02 -12.05
C SER A 91 -6.22 -4.04 -12.10
N GLY A 92 -5.02 -4.62 -12.24
CA GLY A 92 -3.73 -3.93 -12.45
C GLY A 92 -3.41 -3.06 -11.27
N GLU A 93 -4.04 -3.33 -10.13
CA GLU A 93 -3.68 -2.57 -8.91
C GLU A 93 -2.56 -3.32 -8.22
N LEU A 94 -1.57 -2.53 -7.82
CA LEU A 94 -0.31 -2.95 -7.19
C LEU A 94 -0.22 -2.32 -5.78
N LEU A 95 -0.17 -3.17 -4.77
CA LEU A 95 -0.26 -2.79 -3.33
C LEU A 95 1.03 -3.19 -2.60
N PRO A 96 2.09 -2.36 -2.65
CA PRO A 96 3.34 -2.67 -1.93
C PRO A 96 3.27 -2.29 -0.44
N LEU A 97 2.86 -3.23 0.42
CA LEU A 97 2.50 -2.93 1.81
C LEU A 97 3.80 -2.83 2.62
N ALA A 98 3.99 -1.75 3.37
CA ALA A 98 5.22 -1.53 4.20
C ALA A 98 5.16 -2.35 5.52
N VAL A 99 6.26 -3.05 5.84
N VAL A 99 6.23 -3.11 5.80
CA VAL A 99 6.35 -3.93 7.05
CA VAL A 99 6.39 -3.94 7.03
C VAL A 99 7.72 -3.76 7.71
C VAL A 99 7.72 -3.61 7.70
N ARG A 100 7.73 -3.46 9.03
CA ARG A 100 8.99 -3.49 9.83
C ARG A 100 9.21 -4.94 10.30
N MET A 101 10.36 -5.55 9.96
CA MET A 101 10.67 -6.96 10.27
C MET A 101 11.24 -7.08 11.69
N GLY A 102 10.83 -8.16 12.37
CA GLY A 102 11.15 -8.49 13.75
C GLY A 102 11.84 -9.85 13.85
N ALA A 103 11.57 -10.57 14.92
CA ALA A 103 12.24 -11.86 15.27
C ALA A 103 11.65 -13.04 14.52
N ILE A 104 12.48 -14.08 14.36
CA ILE A 104 11.97 -15.44 14.03
C ILE A 104 10.98 -15.85 15.13
N ALA A 105 9.80 -16.37 14.75
CA ALA A 105 8.72 -16.69 15.70
C ALA A 105 7.90 -17.92 15.27
N SER A 106 7.30 -18.55 16.26
CA SER A 106 6.27 -19.61 16.11
C SER A 106 4.98 -19.08 16.75
N MET A 107 3.88 -19.15 16.00
CA MET A 107 2.55 -18.61 16.41
C MET A 107 1.46 -19.61 16.03
N ARG A 108 0.28 -19.46 16.66
CA ARG A 108 -0.97 -20.13 16.25
C ARG A 108 -1.88 -19.04 15.69
N ILE A 109 -2.26 -19.15 14.43
CA ILE A 109 -3.11 -18.12 13.76
C ILE A 109 -4.30 -18.79 13.09
N GLN A 110 -5.52 -18.40 13.46
CA GLN A 110 -6.75 -19.01 12.90
C GLN A 110 -6.61 -20.52 13.15
N GLY A 111 -6.08 -20.88 14.32
CA GLY A 111 -5.94 -22.29 14.76
C GLY A 111 -4.73 -23.02 14.19
N ARG A 112 -4.11 -22.51 13.09
CA ARG A 112 -3.01 -23.19 12.34
C ARG A 112 -1.66 -22.86 12.98
N LEU A 113 -0.66 -23.76 12.96
CA LEU A 113 0.69 -23.47 13.53
C LEU A 113 1.57 -22.96 12.40
N VAL A 114 2.19 -21.78 12.60
N VAL A 114 2.21 -21.80 12.60
CA VAL A 114 3.01 -21.05 11.60
CA VAL A 114 3.04 -21.13 11.57
C VAL A 114 4.39 -20.71 12.19
C VAL A 114 4.38 -20.69 12.17
N HIS A 115 5.43 -20.81 11.37
CA HIS A 115 6.80 -20.46 11.77
C HIS A 115 7.45 -19.65 10.64
N GLY A 116 8.14 -18.56 11.02
CA GLY A 116 8.98 -17.76 10.08
C GLY A 116 9.43 -16.45 10.71
N GLN A 117 9.69 -15.42 9.90
CA GLN A 117 10.12 -14.10 10.42
C GLN A 117 8.88 -13.21 10.58
N SER A 118 8.59 -12.77 11.80
CA SER A 118 7.42 -11.91 12.11
C SER A 118 7.71 -10.46 11.68
N GLY A 119 6.66 -9.71 11.41
CA GLY A 119 6.72 -8.29 11.04
C GLY A 119 5.47 -7.56 11.49
N MET A 120 5.52 -6.22 11.49
CA MET A 120 4.37 -5.36 11.88
C MET A 120 4.09 -4.41 10.69
N LEU A 121 2.90 -4.52 10.12
CA LEU A 121 2.54 -3.68 8.95
C LEU A 121 2.61 -2.21 9.38
N LEU A 122 3.02 -1.33 8.47
CA LEU A 122 3.09 0.14 8.73
C LEU A 122 2.10 0.93 7.88
N THR A 123 0.84 0.48 7.79
CA THR A 123 -0.20 1.00 6.86
C THR A 123 -1.33 1.74 7.61
N GLY A 124 -1.48 1.50 8.91
CA GLY A 124 -2.60 2.05 9.72
C GLY A 124 -2.54 1.58 11.18
N ALA A 125 -3.50 2.02 12.03
CA ALA A 125 -3.53 1.69 13.48
C ALA A 125 -3.65 0.17 13.65
N ASN A 126 -4.51 -0.43 12.82
CA ASN A 126 -4.71 -1.89 12.64
C ASN A 126 -5.03 -2.07 11.15
N ALA A 127 -4.59 -3.18 10.57
CA ALA A 127 -4.76 -3.46 9.13
C ALA A 127 -5.94 -4.41 8.89
N LYS A 128 -6.85 -4.62 9.83
CA LYS A 128 -8.02 -5.50 9.60
C LYS A 128 -8.64 -5.10 8.25
N GLY A 129 -8.82 -6.05 7.32
CA GLY A 129 -9.55 -5.81 6.05
C GLY A 129 -8.64 -5.55 4.85
N MET A 130 -9.24 -5.40 3.68
CA MET A 130 -8.49 -5.49 2.39
C MET A 130 -7.93 -4.12 1.96
N ASP A 131 -8.35 -3.00 2.54
CA ASP A 131 -7.86 -1.66 2.06
C ASP A 131 -6.46 -1.35 2.63
N LEU A 132 -6.18 -1.81 3.87
CA LEU A 132 -4.92 -1.53 4.63
C LEU A 132 -4.06 -2.80 4.86
N GLY A 133 -4.62 -4.01 4.70
CA GLY A 133 -3.95 -5.25 5.11
C GLY A 133 -4.09 -6.40 4.13
N THR A 134 -3.68 -7.60 4.53
CA THR A 134 -3.59 -8.80 3.67
C THR A 134 -4.86 -9.64 3.80
N ILE A 135 -5.16 -10.43 2.77
CA ILE A 135 -6.34 -11.36 2.73
C ILE A 135 -5.80 -12.73 2.34
N PRO A 136 -6.55 -13.82 2.57
CA PRO A 136 -6.03 -15.17 2.30
C PRO A 136 -5.32 -15.36 0.95
N GLY A 137 -5.90 -14.82 -0.13
CA GLY A 137 -5.39 -14.93 -1.51
C GLY A 137 -4.04 -14.23 -1.74
N ASP A 138 -3.53 -13.49 -0.74
CA ASP A 138 -2.23 -12.80 -0.82
C ASP A 138 -1.07 -13.77 -0.54
N CYS A 139 -1.31 -14.94 0.04
CA CYS A 139 -0.22 -15.88 0.45
C CYS A 139 0.67 -16.22 -0.77
N GLY A 140 2.00 -16.27 -0.55
CA GLY A 140 3.04 -16.47 -1.60
C GLY A 140 3.68 -15.18 -2.11
N ALA A 141 3.11 -13.99 -1.84
CA ALA A 141 3.63 -12.68 -2.29
C ALA A 141 4.99 -12.40 -1.66
N PRO A 142 6.01 -11.87 -2.39
CA PRO A 142 7.37 -11.76 -1.85
C PRO A 142 7.66 -10.56 -0.95
N TYR A 143 8.55 -10.73 0.04
CA TYR A 143 9.05 -9.65 0.93
C TYR A 143 10.38 -9.16 0.30
N VAL A 144 10.44 -7.90 -0.15
CA VAL A 144 11.65 -7.36 -0.83
C VAL A 144 12.06 -6.12 -0.07
N TYR A 145 13.34 -5.75 -0.15
CA TYR A 145 13.85 -4.45 0.36
C TYR A 145 15.03 -4.00 -0.49
N LYS A 146 15.21 -2.69 -0.57
CA LYS A 146 16.33 -2.07 -1.30
C LYS A 146 17.47 -1.78 -0.32
N ARG A 147 18.69 -2.03 -0.76
CA ARG A 147 19.92 -1.61 -0.06
C ARG A 147 20.52 -0.41 -0.82
N ALA A 148 21.83 -0.22 -0.68
CA ALA A 148 22.54 0.93 -1.26
C ALA A 148 22.27 0.95 -2.76
N ASN A 149 22.54 -0.18 -3.41
CA ASN A 149 22.70 -0.24 -4.89
C ASN A 149 21.77 -1.28 -5.50
N ASP A 150 20.99 -2.05 -4.73
CA ASP A 150 20.21 -3.15 -5.32
C ASP A 150 19.05 -3.60 -4.42
N TRP A 151 18.32 -4.60 -4.90
CA TRP A 151 17.11 -5.19 -4.27
C TRP A 151 17.36 -6.65 -3.91
N VAL A 152 16.73 -7.09 -2.82
CA VAL A 152 16.94 -8.41 -2.19
C VAL A 152 15.55 -9.00 -2.00
N VAL A 153 15.37 -10.32 -2.19
CA VAL A 153 14.10 -11.01 -1.80
C VAL A 153 14.41 -11.88 -0.58
N CYS A 154 13.58 -11.82 0.45
CA CYS A 154 14.01 -12.48 1.71
C CYS A 154 12.91 -13.37 2.28
N GLY A 155 11.79 -13.57 1.55
CA GLY A 155 10.81 -14.65 1.85
C GLY A 155 9.46 -14.42 1.19
N VAL A 156 8.46 -15.21 1.61
CA VAL A 156 7.08 -15.26 1.04
C VAL A 156 6.04 -15.17 2.15
N HIS A 157 4.93 -14.50 1.82
CA HIS A 157 3.80 -14.28 2.77
C HIS A 157 3.17 -15.62 3.13
N ALA A 158 3.13 -15.93 4.43
CA ALA A 158 2.57 -17.21 4.92
C ALA A 158 1.30 -17.02 5.75
N ALA A 159 1.14 -15.92 6.50
CA ALA A 159 -0.01 -15.76 7.43
C ALA A 159 -0.07 -14.34 7.96
N ALA A 160 -1.21 -14.01 8.56
CA ALA A 160 -1.46 -12.73 9.25
C ALA A 160 -2.55 -12.90 10.29
N THR A 161 -2.47 -12.12 11.37
CA THR A 161 -3.49 -12.18 12.44
C THR A 161 -4.81 -11.53 11.98
N LYS A 162 -5.90 -12.15 12.44
CA LYS A 162 -7.32 -11.73 12.43
C LYS A 162 -7.42 -10.22 12.33
N SER A 163 -7.02 -9.53 13.38
CA SER A 163 -7.47 -8.15 13.66
C SER A 163 -6.28 -7.41 14.25
N GLY A 164 -5.15 -7.50 13.59
CA GLY A 164 -3.94 -6.83 14.07
C GLY A 164 -3.03 -6.39 12.94
N ASN A 165 -1.77 -6.13 13.27
CA ASN A 165 -0.78 -5.69 12.28
C ASN A 165 0.28 -6.75 12.07
N THR A 166 0.13 -7.96 12.61
CA THR A 166 1.22 -8.95 12.59
C THR A 166 1.11 -9.86 11.37
N VAL A 167 2.22 -10.01 10.65
CA VAL A 167 2.34 -10.92 9.48
C VAL A 167 3.54 -11.84 9.70
N VAL A 168 3.62 -12.94 8.94
CA VAL A 168 4.75 -13.91 8.99
C VAL A 168 5.21 -14.17 7.56
N CYS A 169 6.52 -14.02 7.39
CA CYS A 169 7.29 -14.28 6.16
C CYS A 169 7.99 -15.66 6.30
N ALA A 170 7.60 -16.68 5.52
CA ALA A 170 8.30 -17.99 5.47
C ALA A 170 9.68 -17.79 4.81
N VAL A 171 10.72 -18.36 5.41
CA VAL A 171 12.13 -18.09 5.00
C VAL A 171 12.83 -19.41 4.69
N GLN A 172 13.91 -19.31 3.93
CA GLN A 172 14.61 -20.46 3.32
C GLN A 172 15.15 -21.32 4.47
N PRO B 1 -16.60 -3.13 -3.10
CA PRO B 1 -16.78 -1.91 -2.27
C PRO B 1 -15.50 -1.53 -1.52
N THR B 2 -14.81 -0.48 -1.99
CA THR B 2 -13.47 -0.11 -1.48
C THR B 2 -13.32 1.42 -1.36
N LEU B 3 -12.60 1.86 -0.32
CA LEU B 3 -12.15 3.25 -0.15
C LEU B 3 -11.34 3.66 -1.37
N TRP B 4 -10.58 2.74 -1.96
CA TRP B 4 -9.60 3.14 -3.02
C TRP B 4 -10.33 3.65 -4.27
N SER B 5 -11.55 3.17 -4.48
CA SER B 5 -12.47 3.54 -5.59
C SER B 5 -12.75 5.05 -5.55
N ARG B 6 -12.65 5.66 -4.37
CA ARG B 6 -13.02 7.08 -4.16
C ARG B 6 -11.86 8.05 -4.44
N VAL B 7 -10.61 7.55 -4.59
N VAL B 7 -10.61 7.58 -4.54
CA VAL B 7 -9.39 8.38 -4.85
CA VAL B 7 -9.42 8.45 -4.82
C VAL B 7 -9.28 8.54 -6.36
C VAL B 7 -9.22 8.54 -6.34
N THR B 8 -9.22 9.77 -6.87
CA THR B 8 -9.47 10.10 -8.30
C THR B 8 -8.41 11.11 -8.72
N LYS B 9 -7.76 10.90 -9.87
CA LYS B 9 -6.75 11.87 -10.38
C LYS B 9 -7.46 13.20 -10.65
N PHE B 10 -6.84 14.32 -10.28
CA PHE B 10 -7.48 15.65 -10.32
C PHE B 10 -6.40 16.73 -10.43
N GLY B 11 -6.45 17.56 -11.48
CA GLY B 11 -5.42 18.58 -11.75
C GLY B 11 -3.99 18.03 -11.62
N SER B 12 -3.16 18.67 -10.77
CA SER B 12 -1.74 18.28 -10.57
C SER B 12 -1.58 17.29 -9.41
N GLY B 13 -2.68 16.67 -8.94
CA GLY B 13 -2.69 15.69 -7.84
C GLY B 13 -3.94 14.83 -7.84
N TRP B 14 -4.61 14.74 -6.67
CA TRP B 14 -5.72 13.80 -6.41
C TRP B 14 -6.84 14.46 -5.62
N GLY B 15 -7.98 13.77 -5.54
CA GLY B 15 -9.12 14.13 -4.68
C GLY B 15 -9.88 12.91 -4.22
N PHE B 16 -10.94 13.10 -3.40
CA PHE B 16 -11.63 11.99 -2.73
C PHE B 16 -13.14 12.25 -2.71
N TRP B 17 -13.95 11.30 -3.17
CA TRP B 17 -15.44 11.32 -3.11
C TRP B 17 -15.93 10.94 -1.70
N VAL B 18 -16.41 11.91 -0.93
CA VAL B 18 -17.00 11.70 0.43
C VAL B 18 -18.38 11.06 0.25
N SER B 19 -19.10 11.41 -0.83
CA SER B 19 -20.48 10.99 -1.13
C SER B 19 -20.66 11.02 -2.65
N PRO B 20 -21.85 10.61 -3.18
CA PRO B 20 -22.16 10.78 -4.60
C PRO B 20 -22.05 12.21 -5.14
N THR B 21 -22.25 13.22 -4.27
CA THR B 21 -22.26 14.66 -4.66
C THR B 21 -21.05 15.43 -4.07
N VAL B 22 -20.25 14.84 -3.16
CA VAL B 22 -19.23 15.62 -2.39
C VAL B 22 -17.80 15.13 -2.70
N PHE B 23 -16.98 16.07 -3.21
CA PHE B 23 -15.57 15.81 -3.62
C PHE B 23 -14.63 16.79 -2.90
N ILE B 24 -13.59 16.26 -2.23
CA ILE B 24 -12.60 17.10 -1.46
C ILE B 24 -11.22 16.97 -2.11
N THR B 25 -10.44 18.06 -2.09
CA THR B 25 -9.04 18.06 -2.64
C THR B 25 -8.19 19.16 -1.96
N THR B 26 -6.91 19.23 -2.33
CA THR B 26 -5.98 20.30 -1.88
C THR B 26 -6.05 21.50 -2.85
N THR B 27 -6.27 22.70 -2.32
CA THR B 27 -6.57 23.92 -3.14
C THR B 27 -5.52 24.06 -4.26
N HIS B 28 -4.22 23.94 -3.93
CA HIS B 28 -3.11 24.26 -4.88
C HIS B 28 -3.07 23.27 -6.07
N VAL B 29 -3.73 22.11 -6.04
CA VAL B 29 -3.74 21.19 -7.23
C VAL B 29 -4.88 21.50 -8.22
N ILE B 30 -5.88 22.33 -7.87
CA ILE B 30 -7.09 22.55 -8.71
C ILE B 30 -6.68 23.33 -9.97
N PRO B 31 -7.14 22.94 -11.17
CA PRO B 31 -6.88 23.75 -12.37
C PRO B 31 -7.40 25.17 -12.21
N THR B 32 -6.66 26.14 -12.79
CA THR B 32 -6.96 27.59 -12.64
C THR B 32 -7.70 28.10 -13.87
N SER B 33 -7.85 27.26 -14.89
CA SER B 33 -8.67 27.51 -16.09
CA SER B 33 -8.68 27.51 -16.09
C SER B 33 -9.63 26.33 -16.27
N ALA B 34 -10.95 26.56 -16.17
CA ALA B 34 -11.93 25.47 -16.41
C ALA B 34 -13.36 26.00 -16.56
N LYS B 35 -14.11 25.37 -17.47
CA LYS B 35 -15.58 25.58 -17.65
C LYS B 35 -16.37 24.43 -16.97
N GLU B 36 -15.79 23.24 -16.77
CA GLU B 36 -16.54 22.10 -16.16
C GLU B 36 -15.61 21.13 -15.41
N PHE B 37 -16.13 20.41 -14.44
CA PHE B 37 -15.43 19.24 -13.81
C PHE B 37 -16.31 17.99 -13.89
N PHE B 38 -15.72 16.86 -14.26
CA PHE B 38 -16.46 15.57 -14.29
C PHE B 38 -17.76 15.70 -15.13
N GLY B 39 -17.67 16.44 -16.23
CA GLY B 39 -18.75 16.64 -17.20
C GLY B 39 -19.79 17.66 -16.76
N GLU B 40 -19.71 18.21 -15.53
CA GLU B 40 -20.77 19.13 -15.00
C GLU B 40 -20.32 20.58 -15.15
N PRO B 41 -21.18 21.49 -15.66
CA PRO B 41 -20.83 22.90 -15.81
C PRO B 41 -20.39 23.54 -14.48
N LEU B 42 -19.27 24.26 -14.48
CA LEU B 42 -18.82 24.93 -13.25
C LEU B 42 -19.92 25.86 -12.70
N THR B 43 -20.89 26.27 -13.52
CA THR B 43 -22.01 27.15 -13.09
C THR B 43 -22.92 26.39 -12.11
N SER B 44 -22.85 25.06 -12.02
CA SER B 44 -23.77 24.28 -11.16
C SER B 44 -23.02 23.66 -9.97
N ILE B 45 -21.78 24.09 -9.70
CA ILE B 45 -20.95 23.48 -8.60
C ILE B 45 -20.71 24.53 -7.51
N ALA B 46 -21.06 24.19 -6.26
CA ALA B 46 -20.74 24.96 -5.05
C ALA B 46 -19.28 24.70 -4.66
N ILE B 47 -18.47 25.75 -4.46
CA ILE B 47 -17.04 25.60 -4.03
C ILE B 47 -16.88 26.30 -2.69
N HIS B 48 -16.42 25.55 -1.68
CA HIS B 48 -16.12 26.02 -0.29
C HIS B 48 -14.63 25.83 0.02
N ARG B 49 -13.91 26.93 0.17
CA ARG B 49 -12.44 26.90 0.37
C ARG B 49 -12.15 27.39 1.79
N ALA B 50 -11.20 26.74 2.46
CA ALA B 50 -10.56 27.19 3.71
C ALA B 50 -9.06 26.90 3.62
N GLY B 51 -8.24 27.88 3.23
CA GLY B 51 -6.78 27.71 3.05
C GLY B 51 -6.51 26.59 2.03
N GLU B 52 -5.72 25.58 2.41
CA GLU B 52 -5.34 24.48 1.49
C GLU B 52 -6.45 23.41 1.45
N PHE B 53 -7.60 23.61 2.06
CA PHE B 53 -8.73 22.64 1.96
C PHE B 53 -9.82 23.19 1.04
N THR B 54 -10.22 22.42 0.01
CA THR B 54 -11.37 22.77 -0.90
C THR B 54 -12.42 21.64 -0.91
N LEU B 55 -13.70 22.03 -0.73
CA LEU B 55 -14.84 21.08 -0.90
C LEU B 55 -15.72 21.56 -2.07
N PHE B 56 -15.98 20.62 -2.99
CA PHE B 56 -16.95 20.77 -4.10
C PHE B 56 -18.26 20.01 -3.79
N ARG B 57 -19.40 20.65 -4.03
CA ARG B 57 -20.72 19.96 -3.99
C ARG B 57 -21.42 20.12 -5.35
N PHE B 58 -21.77 18.99 -5.99
CA PHE B 58 -22.34 18.92 -7.35
C PHE B 58 -23.88 18.95 -7.27
N SER B 59 -24.57 19.32 -8.37
CA SER B 59 -26.06 19.42 -8.37
C SER B 59 -26.70 18.10 -8.85
N LYS B 60 -25.91 17.10 -9.23
CA LYS B 60 -26.49 15.75 -9.44
C LYS B 60 -25.48 14.70 -8.96
N LYS B 61 -25.88 13.43 -8.90
CA LYS B 61 -25.01 12.34 -8.37
C LYS B 61 -23.97 11.98 -9.42
N ILE B 62 -22.70 12.26 -9.16
CA ILE B 62 -21.58 11.92 -10.07
C ILE B 62 -21.14 10.46 -9.81
N ARG B 63 -21.21 10.00 -8.57
CA ARG B 63 -20.78 8.65 -8.11
C ARG B 63 -21.91 8.04 -7.30
N PRO B 64 -23.04 7.66 -7.97
CA PRO B 64 -24.20 7.09 -7.26
C PRO B 64 -23.96 5.66 -6.77
N ASP B 65 -22.82 5.06 -7.15
CA ASP B 65 -22.35 3.77 -6.59
C ASP B 65 -21.84 3.92 -5.15
N LEU B 66 -21.66 5.15 -4.61
CA LEU B 66 -21.06 5.35 -3.25
C LEU B 66 -22.12 5.70 -2.20
N THR B 67 -21.79 5.41 -0.94
CA THR B 67 -22.52 5.91 0.25
C THR B 67 -21.74 7.08 0.81
N GLY B 68 -22.41 7.95 1.57
CA GLY B 68 -21.82 9.14 2.22
C GLY B 68 -21.05 8.73 3.46
N MET B 69 -19.85 9.29 3.64
CA MET B 69 -18.93 8.96 4.74
C MET B 69 -18.96 10.08 5.77
N ILE B 70 -18.44 9.81 6.98
CA ILE B 70 -18.17 10.87 8.01
C ILE B 70 -16.95 11.73 7.62
N LEU B 71 -17.11 13.06 7.51
CA LEU B 71 -16.00 14.03 7.36
C LEU B 71 -15.87 14.86 8.65
N GLU B 72 -14.70 14.89 9.25
CA GLU B 72 -14.46 15.63 10.52
C GLU B 72 -13.26 16.56 10.34
N GLU B 73 -13.20 17.60 11.17
CA GLU B 73 -12.09 18.60 11.12
C GLU B 73 -10.86 18.02 11.85
N GLY B 74 -10.03 17.25 11.17
CA GLY B 74 -8.83 16.64 11.78
C GLY B 74 -9.22 15.52 12.72
N CYS B 75 -8.29 15.11 13.56
CA CYS B 75 -8.55 14.03 14.54
C CYS B 75 -7.84 14.30 15.87
N PRO B 76 -8.11 13.49 16.92
CA PRO B 76 -7.40 13.65 18.19
C PRO B 76 -5.89 13.43 17.99
N GLU B 77 -5.07 14.18 18.73
CA GLU B 77 -3.61 13.95 18.84
C GLU B 77 -3.34 12.48 19.20
N GLY B 78 -2.41 11.86 18.47
CA GLY B 78 -1.96 10.48 18.72
C GLY B 78 -2.72 9.45 17.91
N THR B 79 -3.80 9.83 17.23
CA THR B 79 -4.47 8.95 16.24
C THR B 79 -3.43 8.57 15.18
N VAL B 80 -3.37 7.28 14.82
CA VAL B 80 -2.60 6.77 13.65
C VAL B 80 -3.56 6.65 12.43
N CYS B 81 -3.53 7.70 11.61
CA CYS B 81 -4.22 7.81 10.31
C CYS B 81 -3.45 6.98 9.27
N SER B 82 -4.14 6.69 8.16
CA SER B 82 -3.62 6.14 6.89
C SER B 82 -3.79 7.24 5.82
N VAL B 83 -2.70 7.61 5.16
CA VAL B 83 -2.80 8.48 3.95
C VAL B 83 -2.95 7.55 2.72
N LEU B 84 -4.04 7.69 1.95
CA LEU B 84 -4.34 6.74 0.83
C LEU B 84 -3.71 7.29 -0.46
N ILE B 85 -2.43 7.00 -0.69
CA ILE B 85 -1.65 7.53 -1.86
C ILE B 85 -1.89 6.67 -3.12
N LYS B 86 -2.33 7.28 -4.22
CA LYS B 86 -2.33 6.66 -5.58
C LYS B 86 -1.16 7.20 -6.41
N ARG B 87 -0.57 6.31 -7.21
CA ARG B 87 0.58 6.70 -8.09
C ARG B 87 0.25 6.43 -9.56
N ASP B 88 0.83 7.20 -10.47
CA ASP B 88 0.56 7.01 -11.93
C ASP B 88 1.13 5.65 -12.41
N SER B 89 2.02 5.04 -11.63
CA SER B 89 2.59 3.69 -11.89
C SER B 89 1.51 2.59 -11.80
N GLY B 90 0.41 2.82 -11.07
CA GLY B 90 -0.60 1.80 -10.75
C GLY B 90 -0.53 1.35 -9.28
N GLU B 91 0.49 1.82 -8.56
CA GLU B 91 0.69 1.53 -7.10
C GLU B 91 -0.34 2.25 -6.19
N LEU B 92 -0.82 1.51 -5.19
CA LEU B 92 -1.66 1.96 -4.04
C LEU B 92 -0.81 1.86 -2.78
N LEU B 93 -0.63 2.97 -2.07
CA LEU B 93 0.40 3.09 -1.00
C LEU B 93 -0.24 3.67 0.26
N PRO B 94 -0.94 2.84 1.05
CA PRO B 94 -1.43 3.30 2.35
C PRO B 94 -0.28 3.41 3.37
N LEU B 95 -0.01 4.60 3.88
CA LEU B 95 1.08 4.81 4.90
C LEU B 95 0.50 5.33 6.24
N ALA B 96 0.94 4.72 7.35
CA ALA B 96 0.58 5.13 8.74
C ALA B 96 1.20 6.49 9.08
N VAL B 97 0.37 7.36 9.67
CA VAL B 97 0.79 8.72 10.11
C VAL B 97 0.28 8.94 11.52
N ARG B 98 1.20 9.15 12.48
CA ARG B 98 0.83 9.56 13.86
C ARG B 98 0.59 11.08 13.86
N MET B 99 -0.64 11.51 14.17
CA MET B 99 -1.10 12.93 14.06
C MET B 99 -0.82 13.69 15.37
N GLY B 100 -0.40 14.95 15.22
CA GLY B 100 -0.13 15.89 16.32
C GLY B 100 -1.05 17.11 16.23
N ALA B 101 -0.60 18.24 16.72
CA ALA B 101 -1.40 19.49 16.82
C ALA B 101 -1.65 20.13 15.44
N ILE B 102 -2.68 20.97 15.39
CA ILE B 102 -2.91 21.96 14.28
C ILE B 102 -1.92 23.10 14.49
N ALA B 103 -1.33 23.57 13.38
CA ALA B 103 -0.25 24.57 13.41
C ALA B 103 -0.02 25.18 12.02
N SER B 104 0.60 26.36 12.01
N SER B 104 0.66 26.32 12.04
CA SER B 104 1.19 26.99 10.79
CA SER B 104 1.23 27.03 10.87
C SER B 104 2.67 26.61 10.80
C SER B 104 2.70 26.65 10.78
N MET B 105 3.09 25.79 9.83
CA MET B 105 4.43 25.16 9.81
C MET B 105 5.18 25.68 8.60
N ARG B 106 6.49 25.82 8.73
CA ARG B 106 7.39 26.19 7.61
C ARG B 106 7.80 24.90 6.89
N ILE B 107 7.43 24.73 5.62
CA ILE B 107 7.73 23.48 4.84
C ILE B 107 8.39 23.88 3.53
N GLN B 108 9.66 23.54 3.32
CA GLN B 108 10.38 23.84 2.07
C GLN B 108 10.11 25.28 1.66
N GLY B 109 10.28 26.22 2.58
CA GLY B 109 10.26 27.67 2.29
C GLY B 109 8.90 28.29 2.46
N ARG B 110 7.80 27.51 2.55
CA ARG B 110 6.42 28.08 2.57
C ARG B 110 5.71 27.82 3.91
N LEU B 111 4.74 28.68 4.26
CA LEU B 111 3.87 28.49 5.46
C LEU B 111 2.63 27.69 5.05
N VAL B 112 2.33 26.60 5.76
CA VAL B 112 1.17 25.74 5.49
C VAL B 112 0.44 25.53 6.81
N HIS B 113 -0.87 25.80 6.84
CA HIS B 113 -1.74 25.61 8.03
C HIS B 113 -2.53 24.31 7.89
N GLY B 114 -2.47 23.45 8.89
CA GLY B 114 -3.22 22.19 8.97
C GLY B 114 -2.76 21.34 10.16
N GLN B 115 -3.17 20.08 10.19
CA GLN B 115 -2.78 19.13 11.25
C GLN B 115 -1.44 18.48 10.88
N SER B 116 -0.43 18.57 11.74
CA SER B 116 0.88 17.94 11.53
C SER B 116 0.76 16.43 11.73
N GLY B 117 1.63 15.68 11.10
CA GLY B 117 1.83 14.24 11.42
C GLY B 117 3.22 13.78 11.08
N MET B 118 3.58 12.55 11.52
CA MET B 118 4.90 11.93 11.25
C MET B 118 4.69 10.48 10.81
N LEU B 119 5.29 10.09 9.68
CA LEU B 119 5.14 8.73 9.13
C LEU B 119 5.79 7.72 10.07
N LEU B 120 5.18 6.55 10.26
CA LEU B 120 5.78 5.48 11.10
C LEU B 120 6.95 4.80 10.39
N THR B 121 7.13 4.96 9.06
CA THR B 121 8.26 4.38 8.30
C THR B 121 9.54 5.09 8.72
N GLY B 122 9.44 6.33 9.21
CA GLY B 122 10.50 7.08 9.93
C GLY B 122 11.85 7.05 9.23
N ALA B 123 12.87 7.58 9.91
CA ALA B 123 14.27 7.73 9.42
C ALA B 123 14.26 8.65 8.20
N ASN B 124 14.63 8.13 7.03
CA ASN B 124 14.36 8.78 5.72
C ASN B 124 13.49 7.83 4.89
N ALA B 125 12.52 8.38 4.14
CA ALA B 125 11.56 7.65 3.27
C ALA B 125 12.31 6.71 2.30
N LYS B 126 13.64 6.88 2.16
CA LYS B 126 14.57 5.98 1.41
C LYS B 126 13.77 4.99 0.55
N GLY B 127 13.53 5.36 -0.71
CA GLY B 127 12.66 4.63 -1.65
C GLY B 127 11.33 5.35 -1.76
N MET B 128 10.79 5.42 -2.97
CA MET B 128 9.54 6.18 -3.22
C MET B 128 8.35 5.49 -2.52
N ASP B 129 8.50 4.25 -2.02
CA ASP B 129 7.38 3.42 -1.50
C ASP B 129 7.26 3.51 0.03
N LEU B 130 8.05 4.35 0.68
CA LEU B 130 8.00 4.51 2.16
C LEU B 130 7.76 5.97 2.58
N GLY B 131 7.48 6.87 1.63
CA GLY B 131 7.17 8.29 1.90
C GLY B 131 6.38 8.96 0.77
N THR B 132 6.05 10.25 0.92
CA THR B 132 5.29 11.06 -0.08
C THR B 132 6.26 11.73 -1.07
N ILE B 133 5.76 12.03 -2.26
CA ILE B 133 6.46 12.89 -3.26
C ILE B 133 5.47 13.98 -3.69
N PRO B 134 5.93 15.05 -4.37
CA PRO B 134 5.05 16.21 -4.62
C PRO B 134 3.72 15.94 -5.36
N GLY B 135 3.70 15.00 -6.32
CA GLY B 135 2.52 14.60 -7.12
C GLY B 135 1.39 13.98 -6.29
N ASP B 136 1.61 13.67 -5.01
CA ASP B 136 0.64 12.95 -4.14
C ASP B 136 -0.38 13.90 -3.49
N CYS B 137 -0.25 15.21 -3.67
CA CYS B 137 -1.09 16.20 -2.94
C CYS B 137 -2.59 15.97 -3.29
N GLY B 138 -3.45 16.07 -2.27
CA GLY B 138 -4.90 15.81 -2.32
C GLY B 138 -5.30 14.41 -1.88
N ALA B 139 -4.34 13.50 -1.68
CA ALA B 139 -4.67 12.15 -1.14
C ALA B 139 -5.36 12.29 0.21
N PRO B 140 -6.34 11.44 0.56
CA PRO B 140 -6.99 11.55 1.87
C PRO B 140 -6.31 10.93 3.10
N TYR B 141 -6.54 11.57 4.27
CA TYR B 141 -6.26 11.02 5.61
C TYR B 141 -7.51 10.37 6.21
N VAL B 142 -7.42 9.06 6.55
CA VAL B 142 -8.56 8.25 7.06
C VAL B 142 -8.11 7.45 8.29
N TYR B 143 -9.07 7.02 9.11
CA TYR B 143 -8.84 6.01 10.17
C TYR B 143 -10.16 5.33 10.50
N LYS B 144 -10.10 4.14 11.09
CA LYS B 144 -11.32 3.37 11.47
C LYS B 144 -11.66 3.70 12.93
N ARG B 145 -12.94 3.94 13.21
CA ARG B 145 -13.45 4.30 14.54
C ARG B 145 -14.78 3.57 14.74
N ALA B 146 -14.86 2.75 15.78
CA ALA B 146 -15.95 1.76 15.95
C ALA B 146 -16.06 1.00 14.64
N ASN B 147 -17.19 1.12 13.93
CA ASN B 147 -17.50 0.37 12.67
C ASN B 147 -17.22 1.26 11.43
N ASP B 148 -16.97 2.56 11.65
CA ASP B 148 -17.00 3.59 10.59
C ASP B 148 -15.58 4.01 10.24
N TRP B 149 -15.36 4.23 8.96
CA TRP B 149 -14.20 4.99 8.41
C TRP B 149 -14.53 6.48 8.54
N VAL B 150 -13.58 7.28 9.01
CA VAL B 150 -13.66 8.76 9.15
C VAL B 150 -12.60 9.34 8.21
N VAL B 151 -12.97 10.33 7.37
CA VAL B 151 -11.99 11.10 6.56
C VAL B 151 -11.82 12.43 7.30
N CYS B 152 -10.58 12.83 7.59
CA CYS B 152 -10.34 14.07 8.40
C CYS B 152 -9.48 15.11 7.68
N GLY B 153 -9.09 14.86 6.41
CA GLY B 153 -8.37 15.89 5.61
C GLY B 153 -7.63 15.36 4.40
N VAL B 154 -6.84 16.23 3.76
CA VAL B 154 -6.20 15.97 2.45
C VAL B 154 -4.71 16.33 2.58
N HIS B 155 -3.85 15.61 1.87
CA HIS B 155 -2.36 15.83 1.86
C HIS B 155 -2.03 17.20 1.23
N ALA B 156 -1.52 18.15 2.01
CA ALA B 156 -1.13 19.51 1.59
C ALA B 156 0.39 19.72 1.39
N ALA B 157 1.27 19.10 2.18
CA ALA B 157 2.73 19.36 2.09
C ALA B 157 3.52 18.35 2.92
N ALA B 158 4.83 18.31 2.66
CA ALA B 158 5.79 17.42 3.33
C ALA B 158 7.18 18.02 3.24
N THR B 159 7.99 17.85 4.28
CA THR B 159 9.43 18.24 4.29
C THR B 159 10.27 17.34 3.38
N LYS B 160 11.55 17.70 3.16
CA LYS B 160 12.47 17.10 2.16
C LYS B 160 12.69 15.60 2.42
N SER B 161 12.77 15.14 3.66
CA SER B 161 12.82 13.69 4.01
C SER B 161 11.52 12.98 3.58
N GLY B 162 10.37 13.67 3.62
CA GLY B 162 9.05 13.15 3.22
C GLY B 162 8.30 12.54 4.39
N ASN B 163 8.69 12.91 5.63
CA ASN B 163 8.40 12.18 6.91
C ASN B 163 7.63 13.05 7.94
N THR B 164 7.81 14.38 7.97
CA THR B 164 6.83 15.35 8.51
C THR B 164 5.90 15.80 7.37
N VAL B 165 4.59 15.69 7.62
CA VAL B 165 3.50 15.98 6.65
C VAL B 165 2.48 16.93 7.29
N VAL B 166 1.70 17.57 6.43
CA VAL B 166 0.56 18.46 6.81
C VAL B 166 -0.69 18.00 6.06
N CYS B 167 -1.74 17.81 6.85
CA CYS B 167 -3.12 17.39 6.50
C CYS B 167 -3.99 18.61 6.56
N ALA B 168 -4.43 19.16 5.42
CA ALA B 168 -5.27 20.38 5.45
C ALA B 168 -6.65 19.92 5.91
N VAL B 169 -7.33 20.71 6.74
CA VAL B 169 -8.59 20.29 7.42
C VAL B 169 -9.69 21.30 7.13
N GLN B 170 -10.95 20.86 7.20
CA GLN B 170 -12.15 21.74 7.04
C GLN B 170 -12.13 22.84 8.11
N ALA B 171 -12.69 24.01 7.79
CA ALA B 171 -13.03 25.13 8.71
C ALA B 171 -11.83 25.50 9.59
#